data_6UDF
#
_entry.id   6UDF
#
_cell.length_a   92.980
_cell.length_b   92.980
_cell.length_c   182.620
_cell.angle_alpha   90.000
_cell.angle_beta   90.000
_cell.angle_gamma   90.000
#
_symmetry.space_group_name_H-M   'I 41 2 2'
#
loop_
_entity.id
_entity.type
_entity.pdbx_description
1 polymer 'Enoyl-[acyl-carrier-protein] reductase [NADH]'
2 non-polymer 'FORMIC ACID'
3 water water
#
_entity_poly.entity_id   1
_entity_poly.type   'polypeptide(L)'
_entity_poly.pdbx_seq_one_letter_code
;MAHHHHHHMAGLLEGKRILVSGIITDSSIAFHIARVAQEQGAQLVLTGFDRLRLIQRITDRLPEKAPLLELDVQNDEHLA
TLADRVVEVIGEGNKLDGLVHSIGFMPQSGMGINPFFDAPYEDVSKGIHISAYSYASMAKALLPIMNRGGSIVGMDFDPS
RAMPAYNWMTVAKSALESVNRFVAREAGKYGVRSNLVAAGPIRTLAMAAIVGGALGEEAGAQIQLLEEGWDQRAPIGWNM
KDPTPVAKTVCALLSEWLPATTGDIIFADGGAHTQLL
;
_entity_poly.pdbx_strand_id   A
#
loop_
_chem_comp.id
_chem_comp.type
_chem_comp.name
_chem_comp.formula
FMT non-polymer 'FORMIC ACID' 'C H2 O2'
#
# COMPACT_ATOMS: atom_id res chain seq x y z
N ALA A 10 -17.35 0.01 -20.41
CA ALA A 10 -17.50 -0.12 -18.96
C ALA A 10 -16.37 -0.94 -18.37
N GLY A 11 -15.61 -0.31 -17.48
CA GLY A 11 -14.44 -0.94 -16.90
C GLY A 11 -14.75 -1.66 -15.60
N LEU A 12 -13.71 -2.31 -15.07
CA LEU A 12 -13.85 -3.14 -13.87
C LEU A 12 -14.35 -2.35 -12.67
N LEU A 13 -14.00 -1.07 -12.57
CA LEU A 13 -14.37 -0.25 -11.43
C LEU A 13 -15.24 0.93 -11.86
N GLU A 14 -16.08 0.73 -12.87
CA GLU A 14 -16.82 1.83 -13.48
C GLU A 14 -17.65 2.59 -12.45
N GLY A 15 -17.39 3.88 -12.31
CA GLY A 15 -18.13 4.73 -11.41
C GLY A 15 -17.79 4.57 -9.94
N LYS A 16 -16.91 3.66 -9.57
CA LYS A 16 -16.56 3.47 -8.16
CA LYS A 16 -16.56 3.48 -8.17
C LYS A 16 -15.69 4.63 -7.68
N ARG A 17 -16.00 5.12 -6.49
CA ARG A 17 -15.25 6.20 -5.86
C ARG A 17 -14.23 5.59 -4.91
N ILE A 18 -12.95 5.85 -5.17
CA ILE A 18 -11.87 5.15 -4.47
C ILE A 18 -10.85 6.17 -3.99
N LEU A 19 -10.55 6.14 -2.70
CA LEU A 19 -9.48 6.96 -2.15
C LEU A 19 -8.16 6.21 -2.23
N VAL A 20 -7.12 6.86 -2.75
CA VAL A 20 -5.82 6.20 -2.95
C VAL A 20 -4.74 7.03 -2.25
N SER A 21 -4.11 6.41 -1.25
CA SER A 21 -2.98 7.00 -0.55
C SER A 21 -1.67 6.40 -1.07
N GLY A 22 -0.57 7.08 -0.77
CA GLY A 22 0.75 6.53 -1.03
C GLY A 22 1.45 6.93 -2.31
N ILE A 23 0.93 7.92 -3.04
CA ILE A 23 1.59 8.35 -4.27
C ILE A 23 2.70 9.34 -3.89
N ILE A 24 3.95 8.89 -3.98
CA ILE A 24 5.12 9.69 -3.68
C ILE A 24 5.84 10.12 -4.96
N THR A 25 6.10 9.16 -5.85
CA THR A 25 6.63 9.43 -7.19
C THR A 25 5.81 8.60 -8.17
N ASP A 26 6.14 8.70 -9.47
CA ASP A 26 5.45 7.84 -10.42
C ASP A 26 6.02 6.43 -10.48
N SER A 27 7.00 6.11 -9.61
CA SER A 27 7.40 4.73 -9.36
C SER A 27 6.66 4.10 -8.18
N SER A 28 5.94 4.90 -7.40
CA SER A 28 5.13 4.36 -6.30
C SER A 28 4.13 3.33 -6.81
N ILE A 29 3.95 2.25 -6.06
CA ILE A 29 2.92 1.30 -6.44
CA ILE A 29 2.92 1.28 -6.41
C ILE A 29 1.56 1.97 -6.50
N ALA A 30 1.28 2.89 -5.57
CA ALA A 30 0.00 3.60 -5.55
C ALA A 30 -0.24 4.41 -6.83
N PHE A 31 0.84 4.92 -7.45
CA PHE A 31 0.65 5.62 -8.72
C PHE A 31 0.04 4.70 -9.77
N HIS A 32 0.55 3.47 -9.84
CA HIS A 32 0.08 2.52 -10.85
C HIS A 32 -1.28 1.94 -10.48
N ILE A 33 -1.53 1.74 -9.19
CA ILE A 33 -2.88 1.39 -8.75
C ILE A 33 -3.86 2.45 -9.21
N ALA A 34 -3.53 3.73 -8.96
CA ALA A 34 -4.40 4.82 -9.38
C ALA A 34 -4.59 4.83 -10.89
N ARG A 35 -3.51 4.63 -11.64
CA ARG A 35 -3.62 4.67 -13.10
C ARG A 35 -4.56 3.58 -13.61
N VAL A 36 -4.35 2.34 -13.17
CA VAL A 36 -5.17 1.23 -13.61
C VAL A 36 -6.62 1.43 -13.17
N ALA A 37 -6.83 1.88 -11.93
CA ALA A 37 -8.19 2.14 -11.47
C ALA A 37 -8.89 3.15 -12.38
N GLN A 38 -8.18 4.22 -12.76
CA GLN A 38 -8.78 5.20 -13.67
C GLN A 38 -9.00 4.61 -15.06
N GLU A 39 -8.05 3.82 -15.55
CA GLU A 39 -8.26 3.13 -16.82
C GLU A 39 -9.52 2.26 -16.78
N GLN A 40 -9.89 1.79 -15.58
CA GLN A 40 -11.05 0.93 -15.37
C GLN A 40 -12.28 1.71 -14.89
N GLY A 41 -12.27 3.03 -15.02
CA GLY A 41 -13.48 3.81 -14.83
C GLY A 41 -13.72 4.36 -13.45
N ALA A 42 -12.78 4.19 -12.52
CA ALA A 42 -12.96 4.66 -11.15
C ALA A 42 -12.77 6.16 -11.07
N GLN A 43 -13.44 6.77 -10.08
CA GLN A 43 -13.27 8.19 -9.76
C GLN A 43 -12.48 8.28 -8.45
N LEU A 44 -11.30 8.90 -8.50
CA LEU A 44 -10.36 8.81 -7.40
C LEU A 44 -10.35 10.06 -6.54
N VAL A 45 -10.02 9.87 -5.26
CA VAL A 45 -9.60 10.91 -4.35
C VAL A 45 -8.22 10.54 -3.85
N LEU A 46 -7.25 11.43 -3.98
CA LEU A 46 -5.87 11.13 -3.61
C LEU A 46 -5.50 11.84 -2.32
N THR A 47 -4.54 11.26 -1.59
CA THR A 47 -4.03 11.90 -0.38
C THR A 47 -2.52 12.04 -0.46
N GLY A 48 -2.00 12.99 0.30
CA GLY A 48 -0.56 13.18 0.40
C GLY A 48 -0.27 14.05 1.61
N PHE A 49 1.01 14.15 1.95
CA PHE A 49 1.41 15.05 3.01
C PHE A 49 2.77 15.66 2.69
N ASP A 50 2.94 16.91 3.09
CA ASP A 50 4.23 17.58 3.18
C ASP A 50 4.77 18.07 1.83
N ARG A 51 4.31 17.49 0.72
CA ARG A 51 4.84 17.88 -0.59
C ARG A 51 3.72 18.10 -1.59
N LEU A 52 2.66 18.80 -1.18
CA LEU A 52 1.40 18.75 -1.92
C LEU A 52 1.54 19.32 -3.33
N ARG A 53 2.18 20.48 -3.47
CA ARG A 53 2.41 21.02 -4.80
C ARG A 53 3.21 20.06 -5.66
N LEU A 54 4.24 19.43 -5.08
CA LEU A 54 5.04 18.47 -5.83
C LEU A 54 4.26 17.21 -6.16
N ILE A 55 3.39 16.77 -5.24
CA ILE A 55 2.59 15.57 -5.52
CA ILE A 55 2.58 15.57 -5.51
C ILE A 55 1.61 15.84 -6.65
N GLN A 56 1.03 17.04 -6.68
CA GLN A 56 0.08 17.36 -7.75
C GLN A 56 0.76 17.31 -9.11
N ARG A 57 2.01 17.76 -9.20
CA ARG A 57 2.74 17.64 -10.46
C ARG A 57 2.87 16.18 -10.89
N ILE A 58 3.02 15.28 -9.93
CA ILE A 58 3.10 13.85 -10.27
C ILE A 58 1.71 13.33 -10.64
N THR A 59 0.69 13.65 -9.83
CA THR A 59 -0.63 13.09 -10.10
C THR A 59 -1.27 13.69 -11.35
N ASP A 60 -0.77 14.85 -11.82
CA ASP A 60 -1.17 15.37 -13.12
C ASP A 60 -0.88 14.36 -14.23
N ARG A 61 0.10 13.49 -14.04
CA ARG A 61 0.48 12.55 -15.08
C ARG A 61 -0.42 11.32 -15.12
N LEU A 62 -1.39 11.22 -14.21
CA LEU A 62 -2.41 10.19 -14.29
C LEU A 62 -3.35 10.48 -15.45
N PRO A 63 -4.05 9.45 -15.96
CA PRO A 63 -4.96 9.70 -17.11
C PRO A 63 -6.09 10.68 -16.82
N GLU A 64 -6.55 10.77 -15.58
CA GLU A 64 -7.69 11.62 -15.25
C GLU A 64 -7.38 12.48 -14.03
N LYS A 65 -8.08 13.60 -13.94
CA LYS A 65 -7.94 14.50 -12.81
C LYS A 65 -8.49 13.85 -11.55
N ALA A 66 -7.96 14.26 -10.40
CA ALA A 66 -8.45 13.74 -9.13
C ALA A 66 -8.14 14.72 -8.02
N PRO A 67 -9.07 14.96 -7.10
CA PRO A 67 -8.77 15.83 -5.95
C PRO A 67 -7.64 15.26 -5.10
N LEU A 68 -6.83 16.16 -4.53
CA LEU A 68 -5.73 15.77 -3.66
C LEU A 68 -5.95 16.39 -2.30
N LEU A 69 -6.03 15.55 -1.26
CA LEU A 69 -6.30 15.97 0.11
C LEU A 69 -5.09 15.75 1.00
N GLU A 70 -4.85 16.67 1.92
CA GLU A 70 -3.74 16.51 2.86
C GLU A 70 -4.08 15.45 3.91
N LEU A 71 -3.15 14.53 4.17
CA LEU A 71 -3.34 13.50 5.19
C LEU A 71 -1.96 13.10 5.72
N ASP A 72 -1.63 13.59 6.92
CA ASP A 72 -0.54 13.04 7.73
C ASP A 72 -1.17 12.06 8.70
N VAL A 73 -0.91 10.75 8.50
CA VAL A 73 -1.59 9.76 9.33
C VAL A 73 -1.13 9.80 10.77
N GLN A 74 -0.05 10.49 11.09
CA GLN A 74 0.34 10.69 12.47
C GLN A 74 -0.34 11.91 13.10
N ASN A 75 -1.19 12.61 12.34
CA ASN A 75 -1.86 13.83 12.83
C ASN A 75 -3.32 13.49 13.13
N ASP A 76 -3.67 13.52 14.42
CA ASP A 76 -5.02 13.14 14.84
C ASP A 76 -6.07 14.08 14.24
N GLU A 77 -5.73 15.36 14.07
CA GLU A 77 -6.71 16.31 13.53
C GLU A 77 -6.98 16.02 12.07
N HIS A 78 -5.94 15.67 11.29
CA HIS A 78 -6.14 15.27 9.90
C HIS A 78 -7.09 14.08 9.80
N LEU A 79 -6.91 13.08 10.66
CA LEU A 79 -7.78 11.91 10.63
C LEU A 79 -9.19 12.26 11.08
N ALA A 80 -9.32 13.15 12.07
CA ALA A 80 -10.65 13.51 12.59
C ALA A 80 -11.50 14.22 11.54
N THR A 81 -10.87 14.89 10.58
CA THR A 81 -11.61 15.64 9.56
C THR A 81 -11.62 14.96 8.20
N LEU A 82 -10.93 13.81 8.07
CA LEU A 82 -10.74 13.22 6.74
C LEU A 82 -12.07 12.90 6.05
N ALA A 83 -12.98 12.22 6.77
CA ALA A 83 -14.26 11.86 6.17
C ALA A 83 -15.02 13.10 5.71
N ASP A 84 -15.08 14.15 6.54
CA ASP A 84 -15.76 15.38 6.13
C ASP A 84 -15.13 15.97 4.88
N ARG A 85 -13.79 15.95 4.81
CA ARG A 85 -13.09 16.54 3.66
C ARG A 85 -13.27 15.69 2.41
N VAL A 86 -13.38 14.37 2.57
CA VAL A 86 -13.68 13.54 1.41
C VAL A 86 -15.07 13.84 0.89
N VAL A 87 -16.06 13.94 1.78
CA VAL A 87 -17.42 14.26 1.37
C VAL A 87 -17.48 15.60 0.65
N GLU A 88 -16.65 16.56 1.08
CA GLU A 88 -16.62 17.86 0.42
C GLU A 88 -16.31 17.73 -1.07
N VAL A 89 -15.43 16.79 -1.43
CA VAL A 89 -15.03 16.66 -2.83
C VAL A 89 -15.83 15.63 -3.59
N ILE A 90 -16.41 14.62 -2.93
CA ILE A 90 -17.25 13.66 -3.65
C ILE A 90 -18.73 14.02 -3.62
N GLY A 91 -19.15 14.94 -2.76
CA GLY A 91 -20.51 15.42 -2.82
C GLY A 91 -21.38 14.87 -1.70
N GLU A 92 -22.32 15.69 -1.24
CA GLU A 92 -23.25 15.29 -0.20
C GLU A 92 -24.03 14.05 -0.61
N GLY A 93 -24.18 13.11 0.32
CA GLY A 93 -24.92 11.90 0.06
C GLY A 93 -24.17 10.83 -0.72
N ASN A 94 -22.94 11.08 -1.12
CA ASN A 94 -22.12 10.07 -1.80
C ASN A 94 -21.12 9.49 -0.81
N LYS A 95 -20.73 8.24 -1.06
CA LYS A 95 -19.77 7.54 -0.22
C LYS A 95 -18.69 6.90 -1.08
N LEU A 96 -17.61 6.51 -0.42
CA LEU A 96 -16.52 5.80 -1.07
C LEU A 96 -16.88 4.34 -1.27
N ASP A 97 -16.41 3.77 -2.39
CA ASP A 97 -16.50 2.34 -2.59
C ASP A 97 -15.18 1.63 -2.28
N GLY A 98 -14.08 2.36 -2.22
CA GLY A 98 -12.79 1.72 -2.01
C GLY A 98 -11.84 2.62 -1.26
N LEU A 99 -10.88 1.99 -0.59
CA LEU A 99 -9.83 2.66 0.16
C LEU A 99 -8.55 1.88 -0.10
N VAL A 100 -7.52 2.55 -0.63
CA VAL A 100 -6.22 1.92 -0.89
C VAL A 100 -5.21 2.51 0.07
N HIS A 101 -4.64 1.66 0.93
CA HIS A 101 -3.59 2.02 1.87
C HIS A 101 -2.26 1.56 1.27
N SER A 102 -1.43 2.51 0.87
CA SER A 102 -0.15 2.20 0.25
C SER A 102 0.91 3.10 0.86
N ILE A 103 0.92 3.12 2.18
N ILE A 103 0.88 3.23 2.17
CA ILE A 103 1.79 3.96 2.98
CA ILE A 103 1.87 4.01 2.90
C ILE A 103 2.65 3.02 3.82
C ILE A 103 2.65 3.04 3.76
N GLY A 104 3.96 3.08 3.64
CA GLY A 104 4.84 2.21 4.37
C GLY A 104 6.08 3.04 4.55
N PHE A 105 6.62 3.05 5.75
CA PHE A 105 7.79 3.86 6.02
C PHE A 105 8.51 3.28 7.23
N MET A 106 9.83 3.27 7.18
CA MET A 106 10.63 2.87 8.31
C MET A 106 11.83 3.80 8.27
N PRO A 107 12.18 4.43 9.39
CA PRO A 107 13.40 5.24 9.40
C PRO A 107 14.62 4.40 9.01
N GLN A 108 15.67 5.12 8.60
CA GLN A 108 16.85 4.48 8.02
C GLN A 108 17.49 3.47 8.97
N SER A 109 17.42 3.72 10.29
CA SER A 109 18.00 2.80 11.25
C SER A 109 17.34 1.42 11.23
N GLY A 110 16.13 1.33 10.69
CA GLY A 110 15.36 0.11 10.73
C GLY A 110 15.45 -0.79 9.51
N MET A 111 16.26 -0.43 8.51
CA MET A 111 16.37 -1.20 7.29
C MET A 111 17.80 -1.13 6.77
N GLY A 112 18.06 -1.89 5.71
CA GLY A 112 19.29 -1.74 4.96
C GLY A 112 20.52 -2.32 5.62
N ILE A 113 21.61 -1.57 5.62
CA ILE A 113 22.85 -2.10 6.19
C ILE A 113 22.93 -1.89 7.69
N ASN A 114 21.99 -1.19 8.27
CA ASN A 114 22.10 -0.90 9.69
C ASN A 114 21.75 -2.16 10.50
N PRO A 115 22.53 -2.51 11.51
CA PRO A 115 22.25 -3.76 12.24
C PRO A 115 20.88 -3.74 12.89
N PHE A 116 20.21 -4.90 12.86
CA PHE A 116 18.86 -5.04 13.41
C PHE A 116 18.77 -4.53 14.85
N PHE A 117 19.75 -4.91 15.69
CA PHE A 117 19.76 -4.52 17.11
C PHE A 117 20.03 -3.03 17.34
N ASP A 118 20.45 -2.29 16.32
CA ASP A 118 20.84 -0.89 16.52
C ASP A 118 19.72 0.09 16.19
N ALA A 119 18.54 -0.38 15.86
CA ALA A 119 17.41 0.53 15.61
C ALA A 119 16.78 0.93 16.94
N PRO A 120 16.81 2.20 17.33
CA PRO A 120 16.13 2.60 18.57
C PRO A 120 14.63 2.48 18.42
N TYR A 121 13.95 2.19 19.54
CA TYR A 121 12.50 1.98 19.45
C TYR A 121 11.78 3.22 18.96
N GLU A 122 12.31 4.40 19.25
CA GLU A 122 11.70 5.62 18.74
C GLU A 122 11.54 5.56 17.21
N ASP A 123 12.54 5.01 16.52
CA ASP A 123 12.45 4.85 15.08
C ASP A 123 11.49 3.73 14.71
N VAL A 124 11.61 2.58 15.37
CA VAL A 124 10.73 1.45 15.06
C VAL A 124 9.28 1.87 15.27
N SER A 125 9.02 2.62 16.34
CA SER A 125 7.65 3.00 16.65
C SER A 125 7.08 3.91 15.58
N LYS A 126 7.88 4.85 15.08
CA LYS A 126 7.42 5.71 14.00
C LYS A 126 7.06 4.89 12.78
N GLY A 127 7.91 3.92 12.42
CA GLY A 127 7.62 3.06 11.29
C GLY A 127 6.36 2.23 11.46
N ILE A 128 6.14 1.68 12.67
CA ILE A 128 4.94 0.89 12.88
C ILE A 128 3.70 1.78 12.89
N HIS A 129 3.81 3.00 13.42
CA HIS A 129 2.69 3.94 13.36
C HIS A 129 2.24 4.16 11.92
N ILE A 130 3.18 4.54 11.06
CA ILE A 130 2.86 4.90 9.68
C ILE A 130 2.50 3.66 8.86
N SER A 131 3.20 2.55 9.08
CA SER A 131 3.04 1.37 8.21
C SER A 131 1.92 0.43 8.63
N ALA A 132 1.55 0.40 9.92
CA ALA A 132 0.60 -0.60 10.38
C ALA A 132 -0.60 0.00 11.11
N TYR A 133 -0.35 0.81 12.13
CA TYR A 133 -1.46 1.37 12.90
C TYR A 133 -2.35 2.24 12.01
N SER A 134 -1.75 2.99 11.07
CA SER A 134 -2.51 3.88 10.20
C SER A 134 -3.51 3.12 9.33
N TYR A 135 -3.31 1.83 9.10
CA TYR A 135 -4.31 1.05 8.39
C TYR A 135 -5.60 1.00 9.19
N ALA A 136 -5.49 0.82 10.51
CA ALA A 136 -6.67 0.86 11.35
C ALA A 136 -7.23 2.28 11.46
N SER A 137 -6.38 3.29 11.63
CA SER A 137 -6.95 4.60 11.87
C SER A 137 -7.60 5.19 10.61
N MET A 138 -7.09 4.85 9.41
CA MET A 138 -7.79 5.28 8.20
C MET A 138 -9.11 4.53 8.02
N ALA A 139 -9.15 3.24 8.36
CA ALA A 139 -10.42 2.51 8.34
C ALA A 139 -11.42 3.09 9.34
N LYS A 140 -10.95 3.42 10.55
CA LYS A 140 -11.81 4.09 11.53
C LYS A 140 -12.39 5.39 10.96
N ALA A 141 -11.58 6.16 10.24
CA ALA A 141 -12.06 7.44 9.75
C ALA A 141 -13.03 7.28 8.58
N LEU A 142 -12.84 6.26 7.75
CA LEU A 142 -13.52 6.23 6.46
C LEU A 142 -14.63 5.19 6.36
N LEU A 143 -14.63 4.15 7.19
CA LEU A 143 -15.76 3.22 7.19
C LEU A 143 -17.09 3.91 7.35
N PRO A 144 -17.27 4.93 8.21
CA PRO A 144 -18.56 5.62 8.25
C PRO A 144 -19.00 6.24 6.93
N ILE A 145 -18.10 6.40 5.96
CA ILE A 145 -18.53 6.93 4.66
C ILE A 145 -18.17 5.97 3.53
N MET A 146 -18.16 4.67 3.81
CA MET A 146 -17.97 3.66 2.78
C MET A 146 -19.27 2.91 2.52
N ASN A 147 -19.46 2.51 1.26
CA ASN A 147 -20.68 1.84 0.83
C ASN A 147 -20.61 0.34 1.12
N ARG A 148 -21.76 -0.23 1.45
CA ARG A 148 -21.86 -1.68 1.55
C ARG A 148 -21.37 -2.31 0.25
N GLY A 149 -20.64 -3.41 0.39
CA GLY A 149 -19.93 -4.00 -0.73
C GLY A 149 -18.59 -3.35 -1.05
N GLY A 150 -18.18 -2.35 -0.27
CA GLY A 150 -16.92 -1.67 -0.51
C GLY A 150 -15.72 -2.52 -0.14
N SER A 151 -14.53 -1.96 -0.36
CA SER A 151 -13.30 -2.73 -0.27
C SER A 151 -12.15 -1.85 0.20
N ILE A 152 -11.48 -2.28 1.26
CA ILE A 152 -10.25 -1.65 1.76
C ILE A 152 -9.09 -2.58 1.40
N VAL A 153 -8.08 -2.03 0.74
CA VAL A 153 -6.91 -2.82 0.32
C VAL A 153 -5.65 -2.13 0.82
N GLY A 154 -4.76 -2.89 1.47
CA GLY A 154 -3.46 -2.40 1.88
C GLY A 154 -2.33 -3.16 1.20
N MET A 155 -1.14 -2.55 1.14
CA MET A 155 0.02 -3.18 0.49
C MET A 155 0.89 -3.87 1.53
N ASP A 156 1.35 -5.07 1.19
CA ASP A 156 2.06 -5.95 2.10
C ASP A 156 3.33 -6.45 1.40
N PHE A 157 4.28 -6.91 2.19
CA PHE A 157 5.46 -7.61 1.68
C PHE A 157 5.68 -8.76 2.62
N ASP A 158 5.55 -9.99 2.10
CA ASP A 158 5.40 -11.20 2.91
C ASP A 158 6.45 -11.27 4.01
N PRO A 159 6.03 -11.15 5.29
CA PRO A 159 6.99 -11.16 6.40
C PRO A 159 7.00 -12.47 7.16
N SER A 160 6.44 -13.52 6.58
CA SER A 160 6.34 -14.82 7.26
CA SER A 160 6.34 -14.79 7.30
C SER A 160 7.70 -15.40 7.57
N ARG A 161 8.71 -15.08 6.76
CA ARG A 161 10.08 -15.52 6.98
C ARG A 161 10.98 -14.29 7.01
N ALA A 162 11.96 -14.29 7.91
CA ALA A 162 12.90 -13.17 8.00
C ALA A 162 13.81 -13.16 6.78
N MET A 163 14.46 -12.01 6.56
CA MET A 163 15.28 -11.84 5.36
C MET A 163 16.27 -10.71 5.61
N PRO A 164 17.37 -10.66 4.86
CA PRO A 164 18.33 -9.56 5.06
C PRO A 164 17.73 -8.22 4.70
N ALA A 165 18.23 -7.18 5.38
CA ALA A 165 18.02 -5.78 5.02
C ALA A 165 16.63 -5.25 5.34
N TYR A 166 15.59 -6.03 5.06
CA TYR A 166 14.23 -5.53 5.29
C TYR A 166 13.96 -5.31 6.77
N ASN A 167 14.58 -6.11 7.66
CA ASN A 167 14.67 -5.85 9.09
C ASN A 167 13.37 -5.39 9.75
N TRP A 168 13.37 -4.19 10.35
CA TRP A 168 12.17 -3.80 11.10
C TRP A 168 10.98 -3.51 10.21
N MET A 169 11.18 -3.25 8.92
CA MET A 169 10.02 -3.11 8.04
C MET A 169 9.28 -4.44 7.95
N THR A 170 10.01 -5.56 8.01
CA THR A 170 9.36 -6.88 8.08
C THR A 170 8.50 -6.98 9.31
N VAL A 171 9.02 -6.51 10.45
CA VAL A 171 8.24 -6.53 11.68
C VAL A 171 6.98 -5.68 11.52
N ALA A 172 7.12 -4.51 10.89
CA ALA A 172 5.95 -3.65 10.69
C ALA A 172 4.91 -4.32 9.78
N LYS A 173 5.36 -5.08 8.78
CA LYS A 173 4.40 -5.78 7.93
C LYS A 173 3.71 -6.92 8.67
N SER A 174 4.45 -7.65 9.52
CA SER A 174 3.78 -8.64 10.36
C SER A 174 2.69 -8.00 11.21
N ALA A 175 2.98 -6.85 11.81
CA ALA A 175 1.97 -6.11 12.57
C ALA A 175 0.79 -5.72 11.68
N LEU A 176 1.07 -5.23 10.47
CA LEU A 176 -0.01 -4.85 9.54
C LEU A 176 -0.93 -6.03 9.20
N GLU A 177 -0.35 -7.20 8.95
CA GLU A 177 -1.19 -8.36 8.65
C GLU A 177 -2.15 -8.66 9.79
N SER A 178 -1.67 -8.52 11.03
CA SER A 178 -2.54 -8.74 12.19
C SER A 178 -3.61 -7.64 12.27
N VAL A 179 -3.21 -6.38 12.05
CA VAL A 179 -4.18 -5.27 12.07
C VAL A 179 -5.27 -5.48 11.03
N ASN A 180 -4.88 -5.90 9.82
CA ASN A 180 -5.85 -6.19 8.77
C ASN A 180 -6.92 -7.17 9.22
N ARG A 181 -6.55 -8.23 9.95
CA ARG A 181 -7.55 -9.20 10.38
C ARG A 181 -8.55 -8.57 11.35
N PHE A 182 -8.09 -7.66 12.20
CA PHE A 182 -9.01 -6.96 13.08
C PHE A 182 -9.82 -5.89 12.35
N VAL A 183 -9.21 -5.19 11.38
CA VAL A 183 -10.00 -4.23 10.60
C VAL A 183 -11.13 -4.94 9.87
N ALA A 184 -10.87 -6.17 9.40
CA ALA A 184 -11.91 -6.95 8.72
C ALA A 184 -13.10 -7.19 9.63
N ARG A 185 -12.86 -7.44 10.91
CA ARG A 185 -13.98 -7.61 11.85
C ARG A 185 -14.81 -6.35 11.93
N GLU A 186 -14.17 -5.19 11.96
CA GLU A 186 -14.92 -3.93 12.04
C GLU A 186 -15.59 -3.61 10.71
N ALA A 187 -14.85 -3.79 9.61
CA ALA A 187 -15.38 -3.46 8.30
C ALA A 187 -16.59 -4.33 7.95
N GLY A 188 -16.62 -5.57 8.45
CA GLY A 188 -17.73 -6.45 8.14
C GLY A 188 -19.06 -5.90 8.60
N LYS A 189 -19.07 -5.14 9.71
CA LYS A 189 -20.31 -4.53 10.21
C LYS A 189 -20.90 -3.55 9.20
N TYR A 190 -20.08 -3.04 8.27
CA TYR A 190 -20.49 -2.11 7.23
C TYR A 190 -20.69 -2.79 5.88
N GLY A 191 -20.59 -4.12 5.83
CA GLY A 191 -20.57 -4.81 4.56
C GLY A 191 -19.34 -4.52 3.71
N VAL A 192 -18.20 -4.25 4.35
CA VAL A 192 -16.97 -3.84 3.67
C VAL A 192 -15.91 -4.91 3.91
N ARG A 193 -15.16 -5.24 2.86
CA ARG A 193 -14.07 -6.19 2.94
C ARG A 193 -12.75 -5.47 3.24
N SER A 194 -11.81 -6.19 3.85
CA SER A 194 -10.49 -5.65 4.13
C SER A 194 -9.44 -6.71 3.79
N ASN A 195 -8.52 -6.40 2.89
CA ASN A 195 -7.51 -7.37 2.47
C ASN A 195 -6.19 -6.69 2.19
N LEU A 196 -5.12 -7.49 2.20
CA LEU A 196 -3.81 -7.01 1.78
C LEU A 196 -3.37 -7.71 0.50
N VAL A 197 -2.56 -7.01 -0.30
CA VAL A 197 -1.87 -7.60 -1.44
C VAL A 197 -0.39 -7.67 -1.08
N ALA A 198 0.12 -8.89 -0.96
CA ALA A 198 1.54 -9.13 -0.70
C ALA A 198 2.23 -9.18 -2.06
N ALA A 199 2.95 -8.12 -2.39
CA ALA A 199 3.62 -7.99 -3.67
C ALA A 199 5.04 -8.54 -3.60
N GLY A 200 5.55 -8.96 -4.76
CA GLY A 200 6.97 -9.15 -4.88
C GLY A 200 7.69 -7.80 -4.82
N PRO A 201 9.03 -7.85 -4.85
CA PRO A 201 9.80 -6.61 -4.73
C PRO A 201 9.54 -5.68 -5.91
N ILE A 202 9.34 -4.39 -5.61
CA ILE A 202 9.13 -3.37 -6.64
C ILE A 202 10.16 -2.26 -6.45
N ARG A 203 10.78 -1.85 -7.54
CA ARG A 203 11.82 -0.81 -7.57
C ARG A 203 11.18 0.56 -7.47
N THR A 204 10.73 0.91 -6.27
CA THR A 204 10.38 2.28 -5.99
C THR A 204 11.64 3.08 -5.70
N LEU A 205 11.51 4.41 -5.70
CA LEU A 205 12.67 5.23 -5.36
CA LEU A 205 12.63 5.28 -5.35
C LEU A 205 13.12 5.01 -3.93
N ALA A 206 12.18 4.73 -3.01
CA ALA A 206 12.54 4.48 -1.62
C ALA A 206 13.35 3.18 -1.50
N MET A 207 12.87 2.10 -2.09
CA MET A 207 13.60 0.82 -2.03
C MET A 207 14.92 0.91 -2.78
N ALA A 208 14.95 1.62 -3.91
CA ALA A 208 16.18 1.81 -4.64
C ALA A 208 17.22 2.57 -3.81
N ALA A 209 16.77 3.53 -2.99
CA ALA A 209 17.70 4.24 -2.13
C ALA A 209 18.34 3.31 -1.10
N ILE A 210 17.57 2.37 -0.55
CA ILE A 210 18.12 1.39 0.37
C ILE A 210 19.09 0.46 -0.35
N VAL A 211 18.65 -0.10 -1.47
CA VAL A 211 19.51 -1.01 -2.24
C VAL A 211 20.78 -0.28 -2.67
N GLY A 212 20.61 0.94 -3.20
CA GLY A 212 21.77 1.72 -3.62
C GLY A 212 22.74 2.01 -2.49
N GLY A 213 22.22 2.33 -1.31
CA GLY A 213 23.08 2.57 -0.16
C GLY A 213 23.75 1.34 0.40
N ALA A 214 23.41 0.16 -0.11
CA ALA A 214 24.03 -1.09 0.30
C ALA A 214 25.06 -1.60 -0.68
N LEU A 215 25.30 -0.87 -1.77
CA LEU A 215 26.25 -1.31 -2.80
C LEU A 215 27.63 -1.48 -2.21
N GLY A 216 28.26 -2.62 -2.52
CA GLY A 216 29.58 -2.93 -2.01
C GLY A 216 29.60 -3.50 -0.61
N GLU A 217 28.48 -3.47 0.11
CA GLU A 217 28.41 -4.00 1.46
C GLU A 217 27.76 -5.39 1.44
N GLU A 218 28.00 -6.14 2.52
CA GLU A 218 27.45 -7.49 2.62
C GLU A 218 25.94 -7.50 2.52
N ALA A 219 25.27 -6.46 3.03
CA ALA A 219 23.82 -6.41 2.90
C ALA A 219 23.41 -6.28 1.44
N GLY A 220 24.19 -5.55 0.65
CA GLY A 220 23.87 -5.40 -0.77
C GLY A 220 24.03 -6.71 -1.54
N ALA A 221 25.07 -7.48 -1.20
CA ALA A 221 25.19 -8.82 -1.76
C ALA A 221 23.97 -9.67 -1.41
N GLN A 222 23.58 -9.66 -0.14
CA GLN A 222 22.39 -10.39 0.28
C GLN A 222 21.13 -9.88 -0.43
N ILE A 223 21.01 -8.56 -0.59
CA ILE A 223 19.82 -8.02 -1.26
C ILE A 223 19.74 -8.51 -2.69
N GLN A 224 20.89 -8.50 -3.39
CA GLN A 224 20.92 -8.97 -4.78
C GLN A 224 20.47 -10.42 -4.87
N LEU A 225 21.05 -11.29 -4.03
CA LEU A 225 20.63 -12.68 -4.03
C LEU A 225 19.15 -12.80 -3.68
N LEU A 226 18.67 -11.96 -2.77
CA LEU A 226 17.26 -12.00 -2.38
C LEU A 226 16.37 -11.62 -3.55
N GLU A 227 16.67 -10.50 -4.22
CA GLU A 227 15.87 -10.08 -5.37
C GLU A 227 15.93 -11.09 -6.52
N GLU A 228 17.12 -11.60 -6.83
CA GLU A 228 17.24 -12.54 -7.94
C GLU A 228 16.46 -13.82 -7.67
N GLY A 229 16.31 -14.18 -6.39
CA GLY A 229 15.58 -15.37 -6.06
C GLY A 229 14.10 -15.29 -6.38
N TRP A 230 13.53 -14.08 -6.36
CA TRP A 230 12.09 -13.97 -6.63
C TRP A 230 11.76 -14.41 -8.04
N ASP A 231 12.48 -13.85 -9.03
CA ASP A 231 12.20 -14.22 -10.41
C ASP A 231 12.51 -15.69 -10.65
N GLN A 232 13.56 -16.22 -10.00
CA GLN A 232 13.89 -17.63 -10.13
C GLN A 232 12.78 -18.52 -9.55
N ARG A 233 12.36 -18.25 -8.31
CA ARG A 233 11.33 -19.05 -7.64
C ARG A 233 9.99 -18.95 -8.34
N ALA A 234 9.67 -17.76 -8.86
CA ALA A 234 8.35 -17.50 -9.43
C ALA A 234 8.13 -18.38 -10.66
N PRO A 235 7.12 -19.27 -10.67
CA PRO A 235 6.91 -20.10 -11.86
C PRO A 235 6.54 -19.30 -13.10
N ILE A 236 6.04 -18.07 -12.94
CA ILE A 236 5.74 -17.21 -14.07
C ILE A 236 6.66 -15.98 -14.09
N GLY A 237 7.73 -16.02 -13.32
CA GLY A 237 8.71 -14.95 -13.31
C GLY A 237 8.28 -13.77 -12.46
N TRP A 238 9.22 -12.84 -12.27
CA TRP A 238 8.93 -11.63 -11.52
C TRP A 238 9.74 -10.48 -12.08
N ASN A 239 9.08 -9.38 -12.42
CA ASN A 239 9.76 -8.20 -12.96
C ASN A 239 9.62 -7.06 -11.96
N MET A 240 10.72 -6.72 -11.28
CA MET A 240 10.70 -5.68 -10.26
C MET A 240 10.45 -4.29 -10.82
N LYS A 241 10.60 -4.12 -12.13
CA LYS A 241 10.42 -2.82 -12.75
C LYS A 241 9.02 -2.66 -13.36
N ASP A 242 8.13 -3.64 -13.14
CA ASP A 242 6.80 -3.68 -13.76
C ASP A 242 5.76 -3.77 -12.67
N PRO A 243 5.26 -2.64 -12.17
CA PRO A 243 4.28 -2.70 -11.08
C PRO A 243 2.86 -2.99 -11.55
N THR A 244 2.61 -3.05 -12.86
CA THR A 244 1.24 -3.22 -13.34
C THR A 244 0.58 -4.51 -12.85
N PRO A 245 1.22 -5.69 -12.81
CA PRO A 245 0.52 -6.87 -12.28
C PRO A 245 0.05 -6.70 -10.85
N VAL A 246 0.80 -5.94 -10.05
CA VAL A 246 0.38 -5.68 -8.68
C VAL A 246 -0.80 -4.72 -8.67
N ALA A 247 -0.77 -3.69 -9.51
CA ALA A 247 -1.86 -2.73 -9.56
C ALA A 247 -3.15 -3.41 -10.01
N LYS A 248 -3.08 -4.30 -11.00
CA LYS A 248 -4.27 -5.02 -11.44
C LYS A 248 -4.84 -5.87 -10.31
N THR A 249 -3.97 -6.48 -9.50
CA THR A 249 -4.42 -7.31 -8.39
C THR A 249 -5.17 -6.49 -7.36
N VAL A 250 -4.66 -5.30 -7.03
CA VAL A 250 -5.37 -4.40 -6.15
C VAL A 250 -6.74 -4.06 -6.72
N CYS A 251 -6.80 -3.79 -8.03
CA CYS A 251 -8.09 -3.46 -8.63
C CYS A 251 -9.04 -4.67 -8.59
N ALA A 252 -8.51 -5.88 -8.73
CA ALA A 252 -9.35 -7.07 -8.56
C ALA A 252 -10.03 -7.07 -7.19
N LEU A 253 -9.28 -6.76 -6.13
CA LEU A 253 -9.85 -6.75 -4.79
C LEU A 253 -10.80 -5.58 -4.58
N LEU A 254 -10.57 -4.46 -5.26
CA LEU A 254 -11.49 -3.33 -5.18
C LEU A 254 -12.80 -3.59 -5.91
N SER A 255 -12.82 -4.51 -6.87
CA SER A 255 -14.03 -4.83 -7.63
C SER A 255 -14.92 -5.71 -6.76
N GLU A 256 -16.01 -6.21 -7.33
CA GLU A 256 -16.83 -7.18 -6.61
C GLU A 256 -16.62 -8.60 -7.11
N TRP A 257 -15.43 -8.89 -7.66
CA TRP A 257 -15.16 -10.22 -8.17
C TRP A 257 -14.50 -11.14 -7.15
N LEU A 258 -14.16 -10.63 -5.97
CA LEU A 258 -13.74 -11.48 -4.85
C LEU A 258 -14.60 -11.15 -3.64
N PRO A 259 -15.91 -11.42 -3.73
CA PRO A 259 -16.86 -10.87 -2.76
C PRO A 259 -16.91 -11.63 -1.44
N ALA A 260 -16.24 -12.77 -1.32
CA ALA A 260 -16.26 -13.57 -0.11
C ALA A 260 -14.87 -13.66 0.54
N THR A 261 -13.97 -12.74 0.20
CA THR A 261 -12.60 -12.72 0.70
C THR A 261 -12.42 -11.51 1.62
N THR A 262 -12.08 -11.75 2.89
CA THR A 262 -11.82 -10.62 3.77
C THR A 262 -10.91 -11.05 4.93
N GLY A 263 -10.26 -10.06 5.53
CA GLY A 263 -9.24 -10.36 6.52
C GLY A 263 -8.04 -11.10 5.98
N ASP A 264 -7.83 -11.06 4.66
CA ASP A 264 -6.99 -12.03 3.99
C ASP A 264 -5.80 -11.34 3.29
N ILE A 265 -4.94 -12.16 2.69
CA ILE A 265 -3.74 -11.72 2.00
C ILE A 265 -3.69 -12.40 0.63
N ILE A 266 -3.69 -11.60 -0.42
CA ILE A 266 -3.60 -12.11 -1.78
CA ILE A 266 -3.59 -12.10 -1.79
C ILE A 266 -2.17 -11.82 -2.27
N PHE A 267 -1.51 -12.85 -2.80
CA PHE A 267 -0.11 -12.70 -3.19
C PHE A 267 -0.01 -12.36 -4.68
N ALA A 268 0.60 -11.21 -4.98
CA ALA A 268 0.93 -10.81 -6.35
C ALA A 268 2.44 -10.80 -6.48
N ASP A 269 3.03 -12.01 -6.53
CA ASP A 269 4.47 -12.15 -6.41
C ASP A 269 5.04 -13.14 -7.41
N GLY A 270 4.33 -13.43 -8.50
CA GLY A 270 4.76 -14.43 -9.46
C GLY A 270 4.62 -15.85 -8.96
N GLY A 271 3.99 -16.06 -7.81
CA GLY A 271 3.99 -17.35 -7.14
C GLY A 271 5.25 -17.69 -6.39
N ALA A 272 6.18 -16.73 -6.23
CA ALA A 272 7.49 -17.02 -5.62
C ALA A 272 7.35 -17.65 -4.24
N HIS A 273 6.37 -17.20 -3.44
CA HIS A 273 6.27 -17.66 -2.06
C HIS A 273 5.76 -19.09 -1.93
N THR A 274 5.34 -19.72 -3.03
CA THR A 274 4.86 -21.10 -3.04
C THR A 274 5.94 -22.10 -3.41
N GLN A 275 7.17 -21.63 -3.65
CA GLN A 275 8.28 -22.42 -4.15
C GLN A 275 9.51 -22.17 -3.30
N LEU A 276 10.26 -23.23 -3.03
CA LEU A 276 11.51 -23.10 -2.30
C LEU A 276 12.67 -22.76 -3.23
N LEU A 277 12.64 -23.30 -4.44
CA LEU A 277 13.67 -23.02 -5.45
C LEU A 277 13.03 -23.02 -6.84
C FMT B . 0.99 9.85 5.36
O1 FMT B . 1.43 10.11 6.47
O2 FMT B . 1.65 9.38 4.43
C FMT C . 9.70 -18.18 -15.18
O1 FMT C . 9.14 -17.54 -16.08
O2 FMT C . 10.52 -17.70 -14.38
#